data_8QW4
#
_entry.id   8QW4
#
_cell.length_a   1.00
_cell.length_b   1.00
_cell.length_c   1.00
_cell.angle_alpha   90.00
_cell.angle_beta   90.00
_cell.angle_gamma   90.00
#
_symmetry.space_group_name_H-M   'P 1'
#
loop_
_entity.id
_entity.type
_entity.pdbx_description
1 polymer Frizzled-3
2 polymer 'Nanobody Nb9'
#
loop_
_entity_poly.entity_id
_entity_poly.type
_entity_poly.pdbx_seq_one_letter_code
_entity_poly.pdbx_strand_id
1 'polypeptide(L)'
;MAMTWIVFSLWPLTVFMGHIGGHSLFSCEPITLRMCQDLPYNTTFMPNLLNHYDQQTAALAMEPFHPMVNLDCSRDFRPF
LCALYAPICMEYGRVTLPCRRLCQRAYSECSKLMEMFGVPWPEDMECSRFPDCDEPYPRLVDLNLAGEPTEGAPVAVQRD
YGFWCPRELKIDPDLGYSFLHVRDCSPPCPNMYFRREELSFARYFIGLISIICLSATLFTFLTFLIDVTRFRYPERPIIF
YAVCYMMVSLIFFIGFLLEDRVACNASIPAQYKASTVTQGSHNKACTMLFMILYFFTMAGSVWWVILTITWFLAAVPKWG
SEAIEKKALLFHASAWGIPGTLTIILLAMNKIEGDNISGVCFVGLYDVDALRYFVLAPLCLYVVVGVSLLLAGIISLNRV
RIEIPLEKENQDKLVKFMIRIGVFSILYLVPLLVVIGCYFYEQAYRGIWETTWIQERCREYHIPCPYQVTQMSRPDLILF
LMKYLMALIVGIPSVFWVGSKKTCFEWASFFHGRRKKGTLEVLFQ
;
A
2 'polypeptide(L)'
;QVQLVESGGGLVQSGDSLRLSCTASGRIFNLDVMGWYRQAPGKRRELVADITSGGKINYADSVKGRFTISRDNTKDTVYL
QMNSLKPEDTAVYYCNAEVEWLDMDYWGKGTQVTVSSHHHHHHHH
;
B
#
# COMPACT_ATOMS: atom_id res chain seq x y z
N CYS A 165 -43.70 13.22 0.40
CA CYS A 165 -42.26 13.13 0.19
C CYS A 165 -41.57 14.46 0.51
N PRO A 166 -40.61 14.43 1.43
CA PRO A 166 -39.99 15.69 1.86
C PRO A 166 -39.15 16.39 0.77
N ARG A 167 -39.11 15.89 -0.47
CA ARG A 167 -38.63 16.67 -1.61
C ARG A 167 -39.59 16.54 -2.78
N GLU A 168 -39.56 17.55 -3.65
CA GLU A 168 -40.40 17.58 -4.84
C GLU A 168 -39.62 17.99 -6.08
N LEU A 169 -38.39 18.46 -5.93
CA LEU A 169 -37.52 18.87 -7.03
C LEU A 169 -36.18 19.23 -6.42
N LYS A 170 -35.13 19.16 -7.24
CA LYS A 170 -33.79 19.37 -6.73
C LYS A 170 -33.65 20.84 -6.38
N ILE A 171 -34.16 21.22 -5.22
CA ILE A 171 -34.20 22.62 -4.82
C ILE A 171 -32.86 23.05 -4.22
N LEU A 175 -32.14 14.65 -13.65
CA LEU A 175 -32.38 13.73 -12.55
C LEU A 175 -33.52 14.17 -11.60
N GLY A 176 -33.60 15.46 -11.29
CA GLY A 176 -34.40 15.87 -10.15
C GLY A 176 -33.73 15.32 -8.91
N TYR A 177 -34.51 14.92 -7.93
CA TYR A 177 -33.98 14.18 -6.79
C TYR A 177 -35.06 13.20 -6.34
N SER A 178 -34.93 11.94 -6.77
CA SER A 178 -36.09 11.14 -7.09
C SER A 178 -36.12 9.81 -6.36
N PHE A 179 -35.28 9.65 -5.35
CA PHE A 179 -34.66 8.34 -5.01
C PHE A 179 -35.68 7.20 -5.06
N LEU A 180 -36.74 7.20 -4.24
CA LEU A 180 -37.61 6.02 -4.10
C LEU A 180 -38.61 5.91 -5.24
N HIS A 181 -38.13 5.40 -6.38
CA HIS A 181 -38.98 4.99 -7.50
C HIS A 181 -39.96 6.08 -7.91
N VAL A 182 -39.53 7.33 -7.95
CA VAL A 182 -40.47 8.43 -8.04
C VAL A 182 -39.81 9.60 -8.76
N ARG A 183 -40.62 10.60 -9.09
CA ARG A 183 -40.10 11.85 -9.62
C ARG A 183 -39.23 12.55 -8.59
N ASP A 184 -39.68 12.62 -7.35
CA ASP A 184 -38.89 13.21 -6.28
C ASP A 184 -39.36 12.67 -4.95
N CYS A 185 -38.42 12.40 -4.04
CA CYS A 185 -38.69 11.98 -2.67
C CYS A 185 -37.35 11.83 -1.97
N SER A 186 -37.35 11.61 -0.66
CA SER A 186 -36.13 11.38 0.09
C SER A 186 -36.47 10.71 1.42
N PRO A 187 -35.85 9.58 1.72
CA PRO A 187 -36.13 8.88 2.99
C PRO A 187 -35.72 9.71 4.17
N PRO A 188 -36.40 9.56 5.31
CA PRO A 188 -36.17 10.46 6.45
C PRO A 188 -34.79 10.29 7.06
N CYS A 189 -34.29 11.38 7.65
CA CYS A 189 -32.93 11.43 8.19
C CYS A 189 -32.84 10.76 9.56
N PRO A 190 -33.79 10.97 10.49
CA PRO A 190 -33.75 10.20 11.74
C PRO A 190 -34.59 8.93 11.66
N ASN A 191 -34.18 7.92 12.43
CA ASN A 191 -34.75 6.57 12.34
C ASN A 191 -34.78 6.10 10.89
N MET A 192 -33.69 6.40 10.16
CA MET A 192 -33.68 6.14 8.73
C MET A 192 -33.82 4.65 8.45
N TYR A 193 -33.04 3.83 9.14
CA TYR A 193 -32.99 2.38 8.97
C TYR A 193 -33.15 1.71 10.32
N PHE A 194 -32.57 2.32 11.35
CA PHE A 194 -32.29 1.65 12.60
C PHE A 194 -32.80 2.43 13.80
N ARG A 195 -32.67 1.79 14.95
CA ARG A 195 -33.06 2.30 16.25
C ARG A 195 -32.21 3.49 16.65
N ARG A 196 -32.84 4.41 17.40
CA ARG A 196 -32.14 5.61 17.85
C ARG A 196 -30.99 5.29 18.80
N GLU A 197 -31.18 4.30 19.69
CA GLU A 197 -30.20 4.04 20.74
C GLU A 197 -28.82 3.79 20.17
N GLU A 198 -28.72 2.86 19.22
CA GLU A 198 -27.42 2.48 18.68
C GLU A 198 -26.72 3.66 18.01
N LEU A 199 -27.49 4.64 17.53
CA LEU A 199 -26.88 5.85 17.01
C LEU A 199 -26.12 6.60 18.10
N SER A 200 -26.65 6.59 19.32
CA SER A 200 -26.02 7.31 20.42
C SER A 200 -24.65 6.73 20.77
N PHE A 201 -24.50 5.41 20.75
CA PHE A 201 -23.20 4.81 21.02
C PHE A 201 -22.32 4.70 19.78
N ALA A 202 -22.90 4.71 18.58
CA ALA A 202 -22.07 4.91 17.40
C ALA A 202 -21.42 6.28 17.42
N ARG A 203 -22.14 7.29 17.92
CA ARG A 203 -21.62 8.64 18.13
C ARG A 203 -20.32 8.65 18.91
N TYR A 204 -20.15 7.77 19.90
CA TYR A 204 -18.86 7.57 20.55
C TYR A 204 -17.95 6.69 19.72
N PHE A 205 -18.47 5.54 19.26
CA PHE A 205 -17.64 4.42 18.86
C PHE A 205 -16.97 4.65 17.51
N ILE A 206 -17.72 5.17 16.54
CA ILE A 206 -17.14 5.37 15.22
C ILE A 206 -15.91 6.25 15.32
N GLY A 207 -16.01 7.33 16.08
CA GLY A 207 -14.83 8.11 16.36
C GLY A 207 -13.79 7.37 17.18
N LEU A 208 -14.19 6.70 18.26
CA LEU A 208 -13.21 6.08 19.15
C LEU A 208 -12.40 5.01 18.44
N ILE A 209 -12.89 4.50 17.31
CA ILE A 209 -12.08 3.59 16.51
C ILE A 209 -11.40 4.34 15.38
N SER A 210 -12.09 5.28 14.73
CA SER A 210 -11.56 5.94 13.55
C SER A 210 -10.40 6.86 13.87
N ILE A 211 -10.53 7.70 14.90
CA ILE A 211 -9.46 8.63 15.24
C ILE A 211 -8.23 7.88 15.71
N ILE A 212 -8.40 6.77 16.43
CA ILE A 212 -7.24 6.02 16.91
C ILE A 212 -6.58 5.27 15.76
N CYS A 213 -7.38 4.74 14.83
CA CYS A 213 -6.83 4.15 13.62
C CYS A 213 -6.08 5.20 12.81
N LEU A 214 -6.62 6.41 12.73
CA LEU A 214 -5.93 7.51 12.06
C LEU A 214 -4.62 7.86 12.76
N SER A 215 -4.64 7.85 14.09
CA SER A 215 -3.42 8.13 14.85
C SER A 215 -2.35 7.08 14.59
N ALA A 216 -2.74 5.81 14.54
CA ALA A 216 -1.80 4.75 14.19
C ALA A 216 -1.29 4.90 12.76
N THR A 217 -2.17 5.30 11.84
CA THR A 217 -1.78 5.37 10.42
C THR A 217 -0.92 6.59 10.13
N LEU A 218 -1.13 7.68 10.86
CA LEU A 218 -0.35 8.89 10.59
C LEU A 218 1.10 8.72 11.02
N PHE A 219 1.34 7.97 12.09
CA PHE A 219 2.71 7.71 12.54
C PHE A 219 3.52 7.07 11.43
N THR A 220 2.90 6.18 10.66
CA THR A 220 3.60 5.51 9.58
C THR A 220 4.08 6.52 8.55
N PHE A 221 3.19 7.42 8.12
CA PHE A 221 3.60 8.44 7.16
C PHE A 221 4.66 9.36 7.75
N LEU A 222 4.57 9.63 9.05
CA LEU A 222 5.58 10.44 9.71
C LEU A 222 6.95 9.80 9.61
N THR A 223 7.03 8.48 9.86
CA THR A 223 8.30 7.79 9.72
C THR A 223 8.74 7.74 8.27
N PHE A 224 7.79 7.58 7.34
CA PHE A 224 8.11 7.52 5.92
C PHE A 224 8.76 8.81 5.45
N LEU A 225 8.27 9.95 5.91
CA LEU A 225 8.83 11.24 5.50
C LEU A 225 10.28 11.41 5.91
N ILE A 226 10.77 10.59 6.84
CA ILE A 226 12.16 10.66 7.26
C ILE A 226 13.06 9.96 6.24
N THR A 229 18.10 -1.20 2.91
CA THR A 229 17.58 0.16 3.04
C THR A 229 18.22 1.11 2.03
N ARG A 230 18.81 0.53 0.98
CA ARG A 230 19.45 1.34 -0.05
C ARG A 230 18.44 2.20 -0.78
N PHE A 231 17.30 1.62 -1.15
CA PHE A 231 16.26 2.35 -1.85
C PHE A 231 14.90 1.83 -1.41
N ARG A 232 13.88 2.66 -1.59
CA ARG A 232 12.50 2.31 -1.26
C ARG A 232 11.67 1.98 -2.48
N TYR A 233 12.31 1.75 -3.63
CA TYR A 233 11.58 1.50 -4.87
C TYR A 233 10.64 0.30 -4.84
N PRO A 234 10.97 -0.86 -4.25
CA PRO A 234 10.03 -1.98 -4.25
C PRO A 234 9.07 -2.05 -3.08
N GLU A 235 9.21 -1.16 -2.09
CA GLU A 235 8.23 -1.03 -1.01
C GLU A 235 7.45 0.26 -1.10
N ARG A 236 7.59 0.99 -2.19
CA ARG A 236 7.03 2.31 -2.40
C ARG A 236 5.50 2.37 -2.26
N PRO A 237 4.74 1.42 -2.81
CA PRO A 237 3.27 1.55 -2.71
C PRO A 237 2.73 1.58 -1.29
N ILE A 238 3.50 1.12 -0.30
CA ILE A 238 3.01 1.13 1.07
C ILE A 238 2.81 2.56 1.56
N ILE A 239 3.68 3.48 1.12
CA ILE A 239 3.58 4.87 1.56
C ILE A 239 2.25 5.46 1.13
N PHE A 240 1.89 5.26 -0.13
CA PHE A 240 0.67 5.82 -0.66
C PHE A 240 -0.57 5.09 -0.16
N TYR A 241 -0.47 3.78 0.09
CA TYR A 241 -1.49 3.07 0.86
C TYR A 241 -1.77 3.76 2.18
N ALA A 242 -0.71 4.02 2.95
CA ALA A 242 -0.88 4.66 4.24
C ALA A 242 -1.52 6.03 4.10
N VAL A 243 -1.08 6.80 3.10
CA VAL A 243 -1.66 8.12 2.89
C VAL A 243 -3.15 8.02 2.58
N CYS A 244 -3.51 7.09 1.68
CA CYS A 244 -4.89 6.97 1.26
C CYS A 244 -5.79 6.64 2.43
N TYR A 245 -5.45 5.60 3.19
CA TYR A 245 -6.36 5.25 4.27
C TYR A 245 -6.24 6.21 5.44
N MET A 246 -5.15 6.98 5.52
CA MET A 246 -5.10 8.10 6.44
C MET A 246 -6.19 9.11 6.10
N MET A 247 -6.33 9.45 4.82
CA MET A 247 -7.37 10.39 4.43
C MET A 247 -8.76 9.81 4.63
N VAL A 248 -8.92 8.51 4.36
CA VAL A 248 -10.21 7.86 4.60
C VAL A 248 -10.61 8.01 6.07
N SER A 249 -9.68 7.69 6.97
CA SER A 249 -9.97 7.88 8.39
C SER A 249 -10.21 9.34 8.73
N LEU A 250 -9.48 10.24 8.09
CA LEU A 250 -9.63 11.66 8.38
C LEU A 250 -11.04 12.14 8.10
N ILE A 251 -11.59 11.75 6.95
CA ILE A 251 -12.91 12.28 6.61
C ILE A 251 -14.03 11.36 7.05
N PHE A 252 -13.73 10.20 7.63
CA PHE A 252 -14.69 9.61 8.55
C PHE A 252 -14.67 10.30 9.90
N PHE A 253 -13.58 10.98 10.26
CA PHE A 253 -13.55 11.66 11.55
C PHE A 253 -14.55 12.82 11.58
N ILE A 254 -15.26 13.05 10.48
CA ILE A 254 -16.39 13.98 10.46
C ILE A 254 -17.57 13.33 11.19
N GLY A 255 -17.35 12.13 11.71
CA GLY A 255 -18.38 11.41 12.46
C GLY A 255 -18.88 12.17 13.66
N PHE A 256 -18.00 12.84 14.39
CA PHE A 256 -18.44 13.84 15.34
C PHE A 256 -17.54 15.08 15.35
N LEU A 257 -16.86 15.39 14.24
CA LEU A 257 -15.90 16.49 14.20
C LEU A 257 -16.57 17.84 14.41
N LEU A 258 -17.59 18.14 13.62
CA LEU A 258 -18.19 19.47 13.70
C LEU A 258 -19.14 19.56 14.88
N GLU A 259 -19.66 18.42 15.33
CA GLU A 259 -20.83 18.35 16.21
C GLU A 259 -22.02 19.06 15.58
N ASP A 260 -22.02 19.09 14.25
CA ASP A 260 -23.16 19.45 13.43
C ASP A 260 -23.20 18.46 12.29
N ARG A 261 -24.37 18.37 11.65
CA ARG A 261 -24.56 17.35 10.62
C ARG A 261 -25.02 17.97 9.31
N VAL A 262 -24.29 18.99 8.83
CA VAL A 262 -24.65 19.66 7.58
C VAL A 262 -24.91 18.65 6.46
N ALA A 263 -24.14 17.56 6.40
CA ALA A 263 -24.31 16.59 5.33
C ALA A 263 -25.70 15.96 5.32
N CYS A 264 -26.40 15.95 6.45
CA CYS A 264 -27.87 15.81 6.43
C CYS A 264 -28.42 17.21 6.62
N ASN A 265 -28.59 17.91 5.49
CA ASN A 265 -28.88 19.33 5.51
C ASN A 265 -30.21 19.60 6.21
N ALA A 266 -30.27 20.73 6.90
CA ALA A 266 -31.49 21.16 7.56
C ALA A 266 -32.62 21.31 6.56
N SER A 267 -33.82 21.47 7.08
CA SER A 267 -34.99 21.59 6.24
C SER A 267 -35.05 22.95 5.59
N SER A 275 -32.82 24.05 0.20
CA SER A 275 -31.86 23.18 0.86
C SER A 275 -32.13 21.73 0.53
N THR A 276 -31.16 21.08 -0.14
CA THR A 276 -31.25 19.66 -0.44
C THR A 276 -31.02 18.85 0.85
N VAL A 277 -32.12 18.56 1.54
CA VAL A 277 -32.11 18.18 2.94
C VAL A 277 -31.38 16.87 3.21
N THR A 278 -31.89 15.76 2.67
CA THR A 278 -31.30 14.45 2.98
C THR A 278 -29.85 14.38 2.51
N GLN A 279 -29.62 14.64 1.23
CA GLN A 279 -28.30 14.75 0.63
C GLN A 279 -28.43 15.30 -0.77
N GLY A 280 -27.59 16.27 -1.11
CA GLY A 280 -27.76 16.95 -2.37
C GLY A 280 -26.82 16.53 -3.47
N SER A 281 -27.31 15.72 -4.42
CA SER A 281 -26.61 15.55 -5.68
C SER A 281 -26.58 16.88 -6.40
N HIS A 282 -25.41 17.21 -6.95
CA HIS A 282 -25.24 18.45 -7.69
C HIS A 282 -25.57 19.65 -6.78
N ASN A 283 -25.09 19.59 -5.54
CA ASN A 283 -25.02 20.76 -4.69
C ASN A 283 -23.94 20.56 -3.64
N LYS A 284 -23.36 21.68 -3.19
CA LYS A 284 -22.07 21.66 -2.51
C LYS A 284 -22.12 20.91 -1.18
N ALA A 285 -23.28 20.92 -0.49
CA ALA A 285 -23.32 20.48 0.89
C ALA A 285 -22.98 19.00 1.07
N CYS A 286 -22.93 18.22 -0.01
CA CYS A 286 -22.57 16.81 0.08
C CYS A 286 -21.34 16.49 -0.76
N THR A 287 -21.23 17.07 -1.95
CA THR A 287 -20.21 16.65 -2.90
C THR A 287 -18.79 16.82 -2.36
N MET A 288 -18.59 17.70 -1.37
CA MET A 288 -17.23 18.02 -0.93
C MET A 288 -16.58 16.90 -0.14
N LEU A 289 -17.25 15.78 0.05
CA LEU A 289 -16.75 14.69 0.87
C LEU A 289 -16.76 13.34 0.17
N PHE A 290 -17.77 13.10 -0.68
CA PHE A 290 -17.81 11.87 -1.46
C PHE A 290 -16.63 11.77 -2.40
N MET A 291 -16.30 12.88 -3.06
CA MET A 291 -15.23 12.90 -4.04
C MET A 291 -13.86 12.69 -3.42
N ILE A 292 -13.74 12.71 -2.10
CA ILE A 292 -12.51 12.36 -1.42
C ILE A 292 -12.60 10.97 -0.81
N LEU A 293 -13.72 10.62 -0.17
CA LEU A 293 -13.83 9.31 0.44
C LEU A 293 -13.79 8.19 -0.59
N TYR A 294 -14.64 8.27 -1.62
CA TYR A 294 -14.63 7.24 -2.65
C TYR A 294 -13.29 7.19 -3.37
N PHE A 295 -12.74 8.38 -3.67
CA PHE A 295 -11.48 8.44 -4.39
C PHE A 295 -10.36 7.76 -3.63
N PHE A 296 -10.17 8.12 -2.36
CA PHE A 296 -9.07 7.53 -1.61
C PHE A 296 -9.34 6.08 -1.25
N THR A 297 -10.61 5.70 -1.06
CA THR A 297 -10.93 4.30 -0.83
C THR A 297 -10.53 3.44 -2.02
N MET A 298 -10.84 3.88 -3.24
CA MET A 298 -10.42 3.11 -4.41
C MET A 298 -8.91 3.16 -4.58
N ALA A 299 -8.30 4.30 -4.30
CA ALA A 299 -6.86 4.46 -4.50
C ALA A 299 -6.08 3.54 -3.58
N GLY A 300 -6.52 3.39 -2.34
CA GLY A 300 -5.82 2.49 -1.44
C GLY A 300 -5.85 1.05 -1.92
N SER A 301 -7.00 0.60 -2.41
CA SER A 301 -7.10 -0.75 -2.93
C SER A 301 -6.22 -0.95 -4.15
N VAL A 302 -6.18 0.03 -5.04
CA VAL A 302 -5.31 -0.09 -6.20
C VAL A 302 -3.85 -0.08 -5.79
N TRP A 303 -3.52 0.69 -4.76
CA TRP A 303 -2.15 0.69 -4.25
C TRP A 303 -1.77 -0.67 -3.69
N TRP A 304 -2.68 -1.30 -2.97
CA TRP A 304 -2.38 -2.65 -2.48
C TRP A 304 -2.24 -3.64 -3.62
N VAL A 305 -3.10 -3.54 -4.63
CA VAL A 305 -3.02 -4.47 -5.76
C VAL A 305 -1.70 -4.30 -6.50
N ILE A 306 -1.28 -3.06 -6.73
CA ILE A 306 -0.01 -2.92 -7.43
C ILE A 306 1.18 -3.10 -6.48
N LEU A 307 0.97 -3.09 -5.17
CA LEU A 307 2.02 -3.58 -4.29
C LEU A 307 2.21 -5.07 -4.47
N THR A 308 1.10 -5.79 -4.63
CA THR A 308 1.18 -7.19 -5.00
C THR A 308 1.92 -7.38 -6.31
N ILE A 309 1.64 -6.53 -7.30
CA ILE A 309 2.34 -6.69 -8.57
C ILE A 309 3.81 -6.29 -8.45
N THR A 310 4.10 -5.31 -7.58
CA THR A 310 5.47 -4.89 -7.31
C THR A 310 6.29 -6.01 -6.71
N TRP A 311 5.72 -6.76 -5.77
CA TRP A 311 6.36 -7.95 -5.23
C TRP A 311 6.38 -9.10 -6.22
N PHE A 312 5.38 -9.21 -7.10
CA PHE A 312 5.43 -10.21 -8.15
C PHE A 312 6.65 -10.03 -9.01
N LEU A 313 6.85 -8.83 -9.53
CA LEU A 313 8.17 -8.47 -10.03
C LEU A 313 9.16 -8.57 -8.89
N ALA A 314 10.36 -9.07 -9.19
CA ALA A 314 11.38 -9.32 -8.18
C ALA A 314 11.00 -10.45 -7.23
N ALA A 315 10.03 -11.27 -7.59
CA ALA A 315 9.94 -12.57 -6.93
C ALA A 315 10.07 -13.71 -7.93
N VAL A 316 9.15 -13.81 -8.88
CA VAL A 316 9.34 -14.75 -9.98
C VAL A 316 10.08 -14.10 -11.15
N PRO A 317 9.88 -12.83 -11.51
CA PRO A 317 10.78 -12.23 -12.49
C PRO A 317 12.21 -12.09 -11.98
N LYS A 318 13.07 -11.60 -12.87
CA LYS A 318 14.39 -11.08 -12.50
C LYS A 318 14.36 -9.57 -12.68
N TRP A 319 13.85 -8.88 -11.67
CA TRP A 319 13.69 -7.43 -11.72
C TRP A 319 14.22 -6.80 -10.45
N GLY A 320 14.86 -5.64 -10.60
CA GLY A 320 15.51 -4.97 -9.50
C GLY A 320 14.76 -3.74 -9.02
N SER A 321 15.32 -3.11 -7.98
CA SER A 321 14.67 -1.94 -7.40
C SER A 321 14.61 -0.80 -8.41
N GLU A 322 15.71 -0.55 -9.11
CA GLU A 322 15.69 0.50 -10.12
C GLU A 322 14.84 0.12 -11.33
N ALA A 323 14.92 -1.14 -11.77
CA ALA A 323 14.18 -1.55 -12.96
C ALA A 323 12.68 -1.47 -12.75
N ILE A 324 12.21 -1.90 -11.57
CA ILE A 324 10.79 -1.82 -11.27
C ILE A 324 10.35 -0.36 -11.17
N GLU A 325 11.22 0.50 -10.64
CA GLU A 325 10.86 1.90 -10.49
C GLU A 325 10.66 2.57 -11.85
N LYS A 326 11.24 2.00 -12.90
CA LYS A 326 11.09 2.59 -14.23
C LYS A 326 9.66 2.51 -14.73
N LYS A 327 8.80 1.72 -14.12
CA LYS A 327 7.39 1.69 -14.45
C LYS A 327 6.55 2.50 -13.46
N ALA A 328 7.19 3.34 -12.64
CA ALA A 328 6.48 4.01 -11.56
C ALA A 328 5.46 4.99 -12.10
N LEU A 329 5.75 5.62 -13.24
CA LEU A 329 4.77 6.55 -13.79
C LEU A 329 3.53 5.81 -14.27
N LEU A 330 3.69 4.63 -14.85
CA LEU A 330 2.51 3.83 -15.18
C LEU A 330 1.78 3.38 -13.92
N PHE A 331 2.52 3.05 -12.86
CA PHE A 331 1.87 2.64 -11.62
C PHE A 331 1.04 3.77 -11.03
N HIS A 332 1.61 4.98 -10.97
CA HIS A 332 0.86 6.13 -10.51
C HIS A 332 -0.30 6.42 -11.44
N ALA A 333 -0.10 6.27 -12.75
CA ALA A 333 -1.18 6.49 -13.68
C ALA A 333 -2.37 5.63 -13.34
N SER A 334 -2.17 4.32 -13.24
CA SER A 334 -3.28 3.42 -12.92
C SER A 334 -3.87 3.74 -11.55
N ALA A 335 -3.00 3.89 -10.54
CA ALA A 335 -3.44 4.02 -9.17
C ALA A 335 -4.24 5.29 -8.93
N TRP A 336 -3.84 6.41 -9.51
CA TRP A 336 -4.59 7.64 -9.35
C TRP A 336 -5.58 7.90 -10.46
N GLY A 337 -5.60 7.05 -11.50
CA GLY A 337 -6.50 7.30 -12.60
C GLY A 337 -7.77 6.48 -12.54
N ILE A 338 -7.68 5.27 -11.99
CA ILE A 338 -8.91 4.48 -11.83
C ILE A 338 -9.84 5.19 -10.86
N PRO A 339 -9.41 5.58 -9.66
CA PRO A 339 -10.30 6.36 -8.80
C PRO A 339 -10.78 7.66 -9.43
N GLY A 340 -9.91 8.33 -10.17
CA GLY A 340 -10.29 9.55 -10.85
C GLY A 340 -11.44 9.34 -11.82
N THR A 341 -11.37 8.30 -12.66
CA THR A 341 -12.44 8.09 -13.63
C THR A 341 -13.71 7.56 -12.95
N LEU A 342 -13.55 6.69 -11.95
CA LEU A 342 -14.70 6.24 -11.19
C LEU A 342 -15.40 7.38 -10.46
N THR A 343 -14.70 8.47 -10.17
CA THR A 343 -15.41 9.63 -9.69
C THR A 343 -15.99 10.46 -10.83
N ILE A 344 -15.23 10.63 -11.92
CA ILE A 344 -15.70 11.41 -13.06
C ILE A 344 -17.02 10.86 -13.57
N ILE A 345 -17.29 9.58 -13.34
CA ILE A 345 -18.46 8.93 -13.91
C ILE A 345 -19.63 8.99 -12.93
N LEU A 346 -19.60 9.95 -12.00
CA LEU A 346 -20.65 10.14 -10.98
C LEU A 346 -21.07 11.61 -10.91
N LEU A 347 -21.47 12.17 -12.07
CA LEU A 347 -22.08 13.50 -12.17
C LEU A 347 -23.57 13.33 -12.41
N ALA A 348 -24.26 14.41 -12.81
CA ALA A 348 -25.72 14.52 -12.77
C ALA A 348 -26.44 13.21 -13.11
N MET A 349 -26.16 12.63 -14.26
CA MET A 349 -26.88 11.42 -14.67
C MET A 349 -26.47 10.20 -13.89
N ASN A 350 -25.54 10.34 -12.95
CA ASN A 350 -25.07 9.22 -12.17
C ASN A 350 -25.27 9.53 -10.69
N LYS A 351 -24.79 8.63 -9.84
CA LYS A 351 -25.30 8.50 -8.47
C LYS A 351 -24.30 9.01 -7.44
N ILE A 352 -24.55 10.22 -6.93
CA ILE A 352 -23.93 10.65 -5.68
C ILE A 352 -24.98 10.66 -4.59
N GLU A 353 -24.64 10.10 -3.43
CA GLU A 353 -25.65 9.65 -2.48
C GLU A 353 -25.31 10.17 -1.10
N GLY A 354 -26.13 9.83 -0.13
CA GLY A 354 -26.02 10.42 1.17
C GLY A 354 -25.31 9.64 2.24
N ASP A 355 -25.84 9.76 3.46
CA ASP A 355 -25.21 9.21 4.65
C ASP A 355 -26.26 9.13 5.76
N ASN A 356 -25.97 8.30 6.76
CA ASN A 356 -26.77 8.33 7.97
C ASN A 356 -26.25 9.43 8.88
N ILE A 357 -26.83 9.55 10.07
CA ILE A 357 -26.35 10.57 11.00
C ILE A 357 -24.94 10.22 11.47
N SER A 358 -24.53 8.96 11.32
CA SER A 358 -23.18 8.53 11.62
C SER A 358 -22.27 8.56 10.41
N GLY A 359 -22.69 9.17 9.32
CA GLY A 359 -22.02 9.03 8.04
C GLY A 359 -21.60 10.35 7.40
N VAL A 360 -20.92 10.19 6.28
CA VAL A 360 -20.42 11.28 5.45
C VAL A 360 -20.78 10.94 4.01
N CYS A 361 -20.82 11.94 3.14
CA CYS A 361 -21.30 11.76 1.78
C CYS A 361 -20.59 10.60 1.09
N PHE A 362 -21.38 9.67 0.56
CA PHE A 362 -20.84 8.49 -0.12
C PHE A 362 -21.90 7.91 -1.02
N VAL A 363 -21.46 7.10 -1.99
CA VAL A 363 -22.38 6.54 -2.98
C VAL A 363 -22.92 5.21 -2.51
N GLY A 364 -24.21 4.98 -2.77
CA GLY A 364 -24.81 3.68 -2.61
C GLY A 364 -25.42 3.40 -1.25
N LEU A 365 -25.42 4.36 -0.34
CA LEU A 365 -25.98 4.01 0.95
C LEU A 365 -27.49 3.81 0.91
N TYR A 366 -28.19 4.34 -0.08
CA TYR A 366 -29.62 4.09 -0.22
C TYR A 366 -29.97 3.36 -1.50
N ASP A 367 -29.10 3.36 -2.50
CA ASP A 367 -29.40 2.78 -3.81
C ASP A 367 -28.62 1.48 -3.93
N VAL A 368 -29.32 0.39 -4.21
CA VAL A 368 -28.66 -0.91 -4.31
C VAL A 368 -27.86 -1.03 -5.58
N ASP A 369 -28.33 -0.43 -6.68
CA ASP A 369 -27.63 -0.53 -7.95
C ASP A 369 -26.26 0.12 -7.91
N ALA A 370 -26.16 1.28 -7.25
CA ALA A 370 -24.87 1.92 -7.10
C ALA A 370 -23.88 1.00 -6.42
N LEU A 371 -24.26 0.44 -5.26
CA LEU A 371 -23.42 -0.56 -4.62
C LEU A 371 -23.04 -1.66 -5.60
N ARG A 372 -24.04 -2.41 -6.06
CA ARG A 372 -23.78 -3.61 -6.86
C ARG A 372 -22.82 -3.34 -8.01
N TYR A 373 -23.05 -2.28 -8.77
CA TYR A 373 -22.22 -2.09 -9.95
C TYR A 373 -20.93 -1.33 -9.68
N PHE A 374 -20.98 -0.16 -9.03
CA PHE A 374 -19.79 0.68 -8.97
C PHE A 374 -19.20 0.76 -7.56
N VAL A 375 -19.48 -0.18 -6.67
CA VAL A 375 -18.71 -0.29 -5.43
C VAL A 375 -18.22 -1.71 -5.24
N LEU A 376 -19.16 -2.65 -5.15
CA LEU A 376 -18.83 -4.03 -4.80
C LEU A 376 -17.93 -4.67 -5.84
N ALA A 377 -18.24 -4.48 -7.12
CA ALA A 377 -17.48 -5.15 -8.17
C ALA A 377 -16.02 -4.75 -8.18
N PRO A 378 -15.65 -3.46 -8.15
CA PRO A 378 -14.22 -3.13 -8.13
C PRO A 378 -13.47 -3.72 -6.95
N LEU A 379 -14.06 -3.72 -5.76
CA LEU A 379 -13.39 -4.31 -4.60
C LEU A 379 -13.16 -5.80 -4.82
N CYS A 380 -14.18 -6.49 -5.31
CA CYS A 380 -14.04 -7.92 -5.54
C CYS A 380 -12.96 -8.21 -6.56
N LEU A 381 -12.95 -7.46 -7.66
CA LEU A 381 -11.92 -7.70 -8.69
C LEU A 381 -10.53 -7.41 -8.15
N TYR A 382 -10.39 -6.35 -7.34
CA TYR A 382 -9.09 -6.02 -6.77
C TYR A 382 -8.62 -7.13 -5.84
N VAL A 383 -9.49 -7.61 -4.95
CA VAL A 383 -9.10 -8.67 -4.03
C VAL A 383 -8.74 -9.93 -4.79
N VAL A 384 -9.52 -10.25 -5.83
CA VAL A 384 -9.24 -11.46 -6.61
C VAL A 384 -7.88 -11.37 -7.28
N VAL A 385 -7.58 -10.22 -7.92
CA VAL A 385 -6.30 -10.06 -8.61
C VAL A 385 -5.15 -10.10 -7.61
N GLY A 386 -5.32 -9.45 -6.47
CA GLY A 386 -4.33 -9.52 -5.43
C GLY A 386 -4.06 -10.93 -4.95
N VAL A 387 -5.11 -11.69 -4.63
CA VAL A 387 -4.92 -13.08 -4.23
C VAL A 387 -4.16 -13.83 -5.30
N SER A 388 -4.62 -13.71 -6.55
CA SER A 388 -3.97 -14.40 -7.66
C SER A 388 -2.47 -14.15 -7.63
N LEU A 389 -2.08 -12.89 -7.80
CA LEU A 389 -0.66 -12.58 -7.92
C LEU A 389 0.07 -12.66 -6.59
N LEU A 390 -0.59 -12.42 -5.47
CA LEU A 390 0.10 -12.58 -4.20
C LEU A 390 0.51 -14.03 -3.97
N LEU A 391 -0.39 -14.97 -4.26
CA LEU A 391 -0.02 -16.37 -4.11
C LEU A 391 0.99 -16.79 -5.16
N ALA A 392 0.81 -16.35 -6.40
CA ALA A 392 1.80 -16.64 -7.43
C ALA A 392 3.10 -15.89 -7.21
N GLY A 393 3.19 -15.07 -6.17
CA GLY A 393 4.48 -14.55 -5.74
C GLY A 393 5.06 -15.27 -4.54
N ILE A 394 4.25 -15.48 -3.49
CA ILE A 394 4.76 -16.11 -2.28
C ILE A 394 5.15 -17.56 -2.55
N ILE A 395 4.26 -18.33 -3.18
CA ILE A 395 4.62 -19.71 -3.49
C ILE A 395 5.51 -19.80 -4.72
N SER A 396 5.77 -18.67 -5.41
CA SER A 396 6.84 -18.63 -6.39
C SER A 396 8.20 -18.47 -5.72
N LEU A 397 8.26 -17.74 -4.61
CA LEU A 397 9.44 -17.76 -3.75
C LEU A 397 9.62 -19.12 -3.08
N ASN A 398 8.50 -19.79 -2.76
CA ASN A 398 8.54 -21.14 -2.17
C ASN A 398 9.57 -22.03 -2.82
N ARG A 399 9.77 -21.89 -4.12
CA ARG A 399 10.74 -22.73 -4.81
C ARG A 399 12.18 -22.37 -4.50
N VAL A 400 12.43 -21.47 -3.55
CA VAL A 400 13.78 -20.99 -3.29
C VAL A 400 14.20 -21.19 -1.84
N ARG A 401 13.24 -21.20 -0.91
CA ARG A 401 13.61 -21.38 0.49
C ARG A 401 14.25 -22.75 0.69
N ILE A 402 13.67 -23.76 0.07
CA ILE A 402 14.33 -25.05 -0.07
C ILE A 402 14.59 -25.16 -1.57
N GLU A 403 15.23 -26.24 -2.00
CA GLU A 403 15.51 -26.57 -3.40
C GLU A 403 16.62 -25.70 -3.95
N ILE A 404 17.40 -25.05 -3.09
CA ILE A 404 18.74 -24.58 -3.43
C ILE A 404 19.59 -24.45 -2.16
N PRO A 405 20.09 -25.57 -1.61
CA PRO A 405 20.86 -25.51 -0.34
C PRO A 405 22.35 -25.20 -0.40
N LEU A 406 22.69 -23.91 -0.43
CA LEU A 406 24.09 -23.53 -0.24
C LEU A 406 24.36 -22.35 0.71
N GLU A 407 23.35 -21.59 1.16
CA GLU A 407 23.59 -20.39 2.02
C GLU A 407 22.59 -20.33 3.17
N LYS A 408 22.50 -21.43 3.94
CA LYS A 408 21.38 -21.66 4.85
C LYS A 408 21.00 -20.45 5.69
N GLU A 409 21.97 -19.59 6.01
CA GLU A 409 21.75 -18.57 7.04
C GLU A 409 20.52 -17.73 6.76
N ASN A 410 20.18 -17.56 5.49
CA ASN A 410 18.98 -16.80 5.14
C ASN A 410 17.70 -17.52 5.54
N GLN A 411 17.66 -18.85 5.44
CA GLN A 411 16.50 -19.56 5.96
C GLN A 411 16.28 -19.17 7.43
N ASP A 412 15.06 -18.75 7.74
CA ASP A 412 14.69 -17.99 8.94
C ASP A 412 15.45 -16.68 9.06
N LYS A 413 15.89 -16.10 7.92
CA LYS A 413 16.22 -14.67 7.85
C LYS A 413 15.35 -14.00 6.79
N LEU A 414 15.35 -14.52 5.57
CA LEU A 414 14.33 -14.19 4.57
C LEU A 414 12.95 -14.65 5.03
N VAL A 415 12.90 -15.54 6.03
CA VAL A 415 11.62 -15.93 6.62
C VAL A 415 10.94 -14.73 7.24
N LYS A 416 11.70 -13.84 7.87
CA LYS A 416 11.06 -12.65 8.39
C LYS A 416 10.33 -11.90 7.29
N PHE A 417 10.91 -11.84 6.10
CA PHE A 417 10.24 -11.14 5.01
C PHE A 417 8.99 -11.87 4.54
N MET A 418 9.08 -13.19 4.31
CA MET A 418 7.89 -13.91 3.87
C MET A 418 6.77 -13.84 4.91
N ILE A 419 7.12 -14.03 6.19
CA ILE A 419 6.09 -14.01 7.22
C ILE A 419 5.51 -12.61 7.35
N ARG A 420 6.31 -11.58 7.08
CA ARG A 420 5.78 -10.22 7.09
C ARG A 420 4.79 -10.00 5.96
N ILE A 421 5.10 -10.50 4.76
CA ILE A 421 4.13 -10.43 3.67
C ILE A 421 2.85 -11.16 4.05
N GLY A 422 2.98 -12.33 4.64
CA GLY A 422 1.80 -13.10 5.02
C GLY A 422 0.95 -12.39 6.05
N VAL A 423 1.58 -11.85 7.08
CA VAL A 423 0.82 -11.15 8.12
C VAL A 423 0.15 -9.92 7.53
N PHE A 424 0.88 -9.19 6.69
CA PHE A 424 0.31 -8.00 6.07
C PHE A 424 -0.89 -8.37 5.21
N SER A 425 -0.78 -9.47 4.48
CA SER A 425 -1.84 -9.87 3.57
C SER A 425 -3.06 -10.36 4.33
N ILE A 426 -2.86 -11.06 5.44
CA ILE A 426 -4.01 -11.43 6.28
C ILE A 426 -4.68 -10.17 6.81
N LEU A 427 -3.89 -9.27 7.40
CA LEU A 427 -4.49 -8.10 8.03
C LEU A 427 -5.14 -7.18 7.02
N TYR A 428 -4.81 -7.32 5.74
CA TYR A 428 -5.54 -6.58 4.72
C TYR A 428 -6.75 -7.34 4.19
N LEU A 429 -6.59 -8.60 3.82
CA LEU A 429 -7.66 -9.30 3.14
C LEU A 429 -8.78 -9.70 4.08
N VAL A 430 -8.57 -9.64 5.39
CA VAL A 430 -9.68 -9.89 6.29
C VAL A 430 -10.75 -8.81 6.10
N PRO A 431 -10.44 -7.53 6.33
CA PRO A 431 -11.51 -6.51 6.26
C PRO A 431 -12.21 -6.41 4.91
N LEU A 432 -11.49 -6.58 3.80
CA LEU A 432 -12.16 -6.45 2.50
C LEU A 432 -13.12 -7.61 2.26
N LEU A 433 -12.73 -8.82 2.64
CA LEU A 433 -13.66 -9.93 2.54
C LEU A 433 -14.88 -9.68 3.40
N VAL A 434 -14.69 -9.14 4.61
CA VAL A 434 -15.83 -8.89 5.49
C VAL A 434 -16.75 -7.84 4.90
N VAL A 435 -16.19 -6.74 4.36
CA VAL A 435 -17.04 -5.68 3.83
C VAL A 435 -17.73 -6.13 2.56
N ILE A 436 -17.07 -6.94 1.74
CA ILE A 436 -17.74 -7.50 0.57
C ILE A 436 -18.89 -8.39 1.03
N GLY A 437 -18.69 -9.11 2.14
CA GLY A 437 -19.78 -9.87 2.71
C GLY A 437 -20.93 -8.97 3.14
N CYS A 438 -20.60 -7.84 3.75
CA CYS A 438 -21.65 -6.93 4.19
C CYS A 438 -22.42 -6.36 3.01
N TYR A 439 -21.74 -6.04 1.91
CA TYR A 439 -22.44 -5.49 0.75
C TYR A 439 -23.27 -6.56 0.05
N PHE A 440 -22.77 -7.80 0.01
CA PHE A 440 -23.60 -8.89 -0.48
C PHE A 440 -24.80 -9.11 0.43
N TYR A 441 -24.65 -8.82 1.71
CA TYR A 441 -25.76 -8.89 2.65
C TYR A 441 -26.81 -7.83 2.35
N GLU A 442 -26.35 -6.61 2.05
CA GLU A 442 -27.27 -5.54 1.71
C GLU A 442 -27.86 -5.71 0.32
N GLN A 443 -27.20 -6.46 -0.56
CA GLN A 443 -27.72 -6.68 -1.90
C GLN A 443 -28.76 -7.78 -1.88
N ALA A 444 -28.88 -8.47 -0.75
CA ALA A 444 -29.93 -9.45 -0.54
C ALA A 444 -30.85 -9.04 0.59
N TYR A 445 -30.65 -7.84 1.13
CA TYR A 445 -31.48 -7.33 2.21
C TYR A 445 -32.34 -6.15 1.83
N ARG A 446 -31.72 -5.08 1.33
CA ARG A 446 -32.43 -3.82 1.14
C ARG A 446 -33.68 -4.00 0.28
N GLY A 447 -33.79 -5.13 -0.41
CA GLY A 447 -35.01 -5.42 -1.14
C GLY A 447 -36.22 -5.60 -0.25
N ILE A 448 -36.00 -5.86 1.04
CA ILE A 448 -37.13 -6.09 1.94
C ILE A 448 -37.34 -4.94 2.91
N TRP A 449 -36.32 -4.13 3.17
CA TRP A 449 -36.52 -2.87 3.88
C TRP A 449 -37.49 -1.98 3.13
N GLU A 450 -37.55 -2.13 1.80
CA GLU A 450 -38.45 -1.32 0.99
C GLU A 450 -39.84 -1.95 0.89
N THR A 451 -39.89 -3.23 0.50
CA THR A 451 -41.16 -3.91 0.27
C THR A 451 -42.04 -3.91 1.51
N THR A 452 -41.43 -3.76 2.70
CA THR A 452 -42.17 -3.55 3.93
C THR A 452 -42.26 -2.08 4.33
N TRP A 453 -41.57 -1.18 3.64
CA TRP A 453 -41.77 0.23 3.92
C TRP A 453 -43.17 0.65 3.49
N ILE A 454 -43.72 0.00 2.46
CA ILE A 454 -45.15 0.09 2.18
C ILE A 454 -45.98 -0.30 3.39
N GLN A 455 -45.36 -0.95 4.38
CA GLN A 455 -46.04 -1.37 5.60
C GLN A 455 -45.38 -0.85 6.87
N GLU A 456 -44.26 -0.12 6.78
CA GLU A 456 -43.81 0.66 7.92
C GLU A 456 -43.99 2.17 7.69
N ARG A 457 -43.90 2.62 6.42
CA ARG A 457 -44.30 3.97 6.04
C ARG A 457 -45.82 3.98 5.85
N CYS A 458 -46.36 5.00 5.18
CA CYS A 458 -47.77 5.40 5.19
C CYS A 458 -48.27 5.57 6.60
N ARG A 459 -47.35 5.63 7.55
CA ARG A 459 -47.52 5.80 8.98
C ARG A 459 -46.07 5.89 9.43
N GLU A 460 -45.80 5.88 10.72
CA GLU A 460 -44.41 5.98 11.15
C GLU A 460 -43.72 4.63 11.20
N TYR A 461 -44.38 3.62 11.73
CA TYR A 461 -43.78 2.31 11.78
C TYR A 461 -44.80 1.19 11.84
N GLN A 468 -38.93 -9.70 5.96
CA GLN A 468 -40.27 -9.82 5.37
C GLN A 468 -41.33 -9.57 6.42
N VAL A 469 -41.22 -10.29 7.54
CA VAL A 469 -42.06 -10.01 8.69
C VAL A 469 -41.41 -8.97 9.58
N THR A 470 -40.09 -8.97 9.67
CA THR A 470 -39.32 -7.82 10.12
C THR A 470 -38.27 -7.53 9.06
N GLN A 471 -37.79 -6.29 9.03
CA GLN A 471 -36.72 -6.00 8.11
C GLN A 471 -35.37 -6.34 8.70
N MET A 472 -34.95 -5.65 9.76
CA MET A 472 -33.63 -5.88 10.33
C MET A 472 -33.80 -6.50 11.71
N SER A 473 -32.70 -7.02 12.23
CA SER A 473 -32.65 -7.69 13.52
C SER A 473 -31.31 -7.34 14.14
N ARG A 474 -30.84 -8.17 15.06
CA ARG A 474 -29.57 -7.98 15.75
C ARG A 474 -28.47 -7.45 14.84
N PRO A 475 -28.45 -7.80 13.55
CA PRO A 475 -27.59 -7.06 12.61
C PRO A 475 -27.80 -5.56 12.59
N ASP A 476 -28.77 -5.04 13.35
CA ASP A 476 -28.98 -3.60 13.44
C ASP A 476 -27.70 -2.91 13.90
N LEU A 477 -26.92 -3.56 14.71
CA LEU A 477 -25.56 -3.07 14.83
C LEU A 477 -24.53 -4.11 14.41
N ILE A 478 -24.66 -5.37 14.86
CA ILE A 478 -23.55 -6.31 14.78
C ILE A 478 -23.07 -6.53 13.36
N LEU A 479 -23.84 -6.13 12.34
CA LEU A 479 -23.38 -6.20 10.96
C LEU A 479 -22.97 -4.84 10.40
N PHE A 480 -23.86 -3.85 10.45
CA PHE A 480 -23.46 -2.56 9.92
C PHE A 480 -22.41 -1.88 10.79
N LEU A 481 -22.22 -2.33 12.03
CA LEU A 481 -21.11 -1.78 12.80
C LEU A 481 -19.77 -2.33 12.32
N MET A 482 -19.68 -3.65 12.10
CA MET A 482 -18.40 -4.15 11.61
C MET A 482 -18.19 -3.76 10.16
N LYS A 483 -19.26 -3.38 9.45
CA LYS A 483 -19.08 -2.74 8.16
C LYS A 483 -18.09 -1.58 8.25
N TYR A 484 -18.43 -0.56 9.05
CA TYR A 484 -17.54 0.59 9.20
C TYR A 484 -16.23 0.21 9.89
N LEU A 485 -16.27 -0.70 10.86
CA LEU A 485 -15.05 -1.12 11.53
C LEU A 485 -14.04 -1.64 10.52
N MET A 486 -14.44 -2.59 9.68
CA MET A 486 -13.53 -3.11 8.68
C MET A 486 -13.18 -2.09 7.62
N ALA A 487 -14.14 -1.22 7.25
CA ALA A 487 -13.81 -0.17 6.30
C ALA A 487 -12.73 0.77 6.81
N LEU A 488 -12.60 0.90 8.13
CA LEU A 488 -11.54 1.72 8.71
C LEU A 488 -10.25 0.96 8.97
N ILE A 489 -10.33 -0.32 9.37
CA ILE A 489 -9.14 -1.07 9.76
C ILE A 489 -8.53 -1.80 8.57
N VAL A 490 -8.94 -1.43 7.36
CA VAL A 490 -8.21 -1.88 6.18
C VAL A 490 -6.80 -1.34 6.22
N GLY A 491 -6.60 -0.15 6.80
CA GLY A 491 -5.31 0.49 6.78
C GLY A 491 -4.39 0.15 7.93
N ILE A 492 -4.84 -0.70 8.85
CA ILE A 492 -4.04 -1.10 10.00
C ILE A 492 -2.81 -1.95 9.66
N PRO A 493 -2.77 -2.71 8.55
CA PRO A 493 -1.55 -3.51 8.30
C PRO A 493 -0.27 -2.69 8.25
N SER A 494 -0.38 -1.38 8.04
CA SER A 494 0.82 -0.57 7.92
C SER A 494 1.66 -0.60 9.20
N VAL A 495 1.02 -0.66 10.37
CA VAL A 495 1.78 -0.56 11.62
C VAL A 495 2.58 -1.84 11.87
N PHE A 496 1.95 -3.02 11.77
CA PHE A 496 2.68 -4.28 11.82
C PHE A 496 3.50 -4.57 10.57
N TRP A 497 3.49 -3.67 9.58
CA TRP A 497 4.52 -3.77 8.55
C TRP A 497 5.74 -2.94 8.92
N VAL A 498 5.54 -1.70 9.37
CA VAL A 498 6.68 -0.84 9.67
C VAL A 498 7.39 -1.27 10.95
N GLY A 499 6.66 -1.81 11.92
CA GLY A 499 7.26 -2.18 13.18
C GLY A 499 8.12 -3.42 13.12
N SER A 500 8.03 -4.18 12.03
CA SER A 500 8.85 -5.38 11.84
C SER A 500 10.13 -5.09 11.09
N LYS A 501 10.40 -3.83 10.77
CA LYS A 501 11.61 -3.47 10.04
C LYS A 501 12.43 -2.46 10.84
N LYS A 502 12.56 -2.70 12.14
CA LYS A 502 13.38 -1.86 12.99
C LYS A 502 14.23 -2.70 13.94
N GLN B 1 32.70 -14.26 -5.36
CA GLN B 1 34.00 -14.59 -5.94
C GLN B 1 34.85 -13.37 -6.23
N VAL B 2 36.10 -13.38 -5.74
CA VAL B 2 37.11 -12.39 -6.08
C VAL B 2 38.32 -13.17 -6.56
N GLN B 3 39.20 -12.52 -7.33
CA GLN B 3 40.48 -13.15 -7.59
C GLN B 3 41.58 -12.28 -6.99
N LEU B 4 42.58 -12.94 -6.42
CA LEU B 4 43.78 -12.27 -5.90
C LEU B 4 44.63 -11.86 -7.11
N VAL B 5 44.81 -10.56 -7.27
CA VAL B 5 45.53 -10.01 -8.41
C VAL B 5 46.85 -9.44 -7.91
N GLU B 6 47.42 -10.06 -6.89
CA GLU B 6 48.43 -9.39 -6.08
C GLU B 6 49.83 -9.91 -6.35
N SER B 7 50.80 -9.02 -6.14
CA SER B 7 52.23 -9.36 -6.13
C SER B 7 52.94 -8.95 -4.86
N GLY B 8 52.41 -7.97 -4.11
CA GLY B 8 53.12 -7.22 -3.10
C GLY B 8 52.85 -5.75 -3.29
N GLY B 9 51.98 -5.41 -4.24
CA GLY B 9 51.53 -4.04 -4.48
C GLY B 9 52.19 -3.29 -5.62
N GLY B 10 53.45 -3.60 -5.85
CA GLY B 10 54.33 -2.78 -6.64
C GLY B 10 55.71 -2.88 -6.05
N LEU B 11 55.76 -3.47 -4.85
CA LEU B 11 57.00 -3.75 -4.12
C LEU B 11 57.86 -2.49 -3.94
N VAL B 12 57.33 -1.52 -3.21
CA VAL B 12 58.08 -0.31 -2.86
C VAL B 12 58.95 -0.55 -1.64
N SER B 14 50.51 2.53 -10.15
CA SER B 14 51.44 1.71 -9.38
C SER B 14 52.74 1.52 -10.13
N GLY B 15 52.76 0.55 -11.01
CA GLY B 15 53.73 0.57 -12.09
C GLY B 15 53.26 1.52 -13.17
N ASP B 16 52.12 1.20 -13.79
CA ASP B 16 51.35 2.12 -14.62
C ASP B 16 49.88 2.18 -14.24
N SER B 17 49.29 1.08 -13.76
CA SER B 17 47.92 1.06 -13.28
C SER B 17 47.72 -0.14 -12.35
N LEU B 18 46.45 -0.43 -12.02
CA LEU B 18 46.05 -1.63 -11.29
C LEU B 18 44.53 -1.76 -11.30
N ARG B 19 44.03 -3.01 -11.40
CA ARG B 19 42.60 -3.28 -11.37
C ARG B 19 42.29 -4.51 -10.51
N LEU B 20 41.14 -4.48 -9.87
CA LEU B 20 40.52 -5.63 -9.25
C LEU B 20 39.32 -6.08 -10.06
N SER B 21 38.86 -7.30 -9.79
CA SER B 21 37.59 -7.76 -10.34
C SER B 21 36.87 -8.57 -9.29
N CYS B 22 35.55 -8.55 -9.37
CA CYS B 22 34.70 -9.44 -8.61
C CYS B 22 33.66 -10.00 -9.56
N THR B 23 33.13 -11.16 -9.24
CA THR B 23 32.21 -11.83 -10.14
C THR B 23 31.33 -12.76 -9.33
N ALA B 24 30.04 -12.75 -9.63
CA ALA B 24 29.09 -13.60 -8.94
C ALA B 24 28.40 -14.52 -9.94
N SER B 25 28.56 -15.82 -9.72
CA SER B 25 27.85 -16.82 -10.51
C SER B 25 26.81 -17.59 -9.72
N GLY B 26 26.89 -17.62 -8.40
CA GLY B 26 25.83 -18.19 -7.59
C GLY B 26 24.86 -17.13 -7.11
N ARG B 27 23.73 -16.99 -7.81
CA ARG B 27 22.82 -15.89 -7.58
C ARG B 27 21.39 -16.36 -7.74
N ILE B 28 20.47 -15.68 -7.06
CA ILE B 28 19.04 -15.88 -7.29
C ILE B 28 18.41 -14.54 -7.64
N PHE B 29 18.48 -13.58 -6.71
CA PHE B 29 17.81 -12.31 -6.89
C PHE B 29 18.73 -11.26 -7.50
N ASN B 30 18.13 -10.19 -8.00
CA ASN B 30 18.85 -9.16 -8.74
C ASN B 30 19.73 -8.38 -7.76
N LEU B 31 21.03 -8.55 -7.88
CA LEU B 31 22.00 -7.82 -7.08
C LEU B 31 21.87 -6.33 -7.37
N ASP B 32 21.44 -5.56 -6.37
CA ASP B 32 21.17 -4.16 -6.63
C ASP B 32 22.43 -3.31 -6.50
N VAL B 33 23.05 -3.31 -5.32
CA VAL B 33 24.26 -2.55 -5.07
C VAL B 33 25.40 -3.52 -4.81
N MET B 34 26.50 -3.35 -5.54
CA MET B 34 27.63 -4.24 -5.35
C MET B 34 28.92 -3.47 -5.50
N GLY B 35 29.82 -3.66 -4.54
CA GLY B 35 31.02 -2.84 -4.46
C GLY B 35 32.11 -3.50 -3.66
N TRP B 36 32.94 -2.67 -3.03
CA TRP B 36 34.17 -3.11 -2.40
C TRP B 36 34.31 -2.49 -1.01
N TYR B 37 35.03 -3.18 -0.13
CA TYR B 37 35.33 -2.68 1.20
C TYR B 37 36.77 -3.02 1.58
N ARG B 38 37.35 -2.25 2.50
CA ARG B 38 38.72 -2.45 2.94
C ARG B 38 38.77 -2.80 4.43
N GLN B 39 39.98 -3.11 4.89
CA GLN B 39 40.32 -3.09 6.31
C GLN B 39 41.83 -2.91 6.43
N ALA B 40 42.23 -2.13 7.42
CA ALA B 40 43.53 -1.45 7.40
C ALA B 40 44.76 -2.34 7.31
N PRO B 41 44.93 -3.37 8.15
CA PRO B 41 44.13 -4.05 9.17
C PRO B 41 43.86 -3.22 10.40
N GLY B 42 42.60 -2.89 10.58
CA GLY B 42 42.20 -2.02 11.67
C GLY B 42 40.82 -2.39 12.13
N LYS B 43 40.38 -1.68 13.16
CA LYS B 43 39.18 -2.04 13.90
C LYS B 43 37.91 -1.97 13.06
N ARG B 44 38.00 -1.66 11.76
CA ARG B 44 36.80 -1.47 10.97
C ARG B 44 36.97 -2.06 9.58
N ARG B 45 35.84 -2.21 8.90
CA ARG B 45 35.75 -2.52 7.49
C ARG B 45 35.02 -1.36 6.82
N GLU B 46 35.74 -0.62 5.96
CA GLU B 46 35.25 0.66 5.44
C GLU B 46 34.84 0.52 3.99
N LEU B 47 34.04 1.48 3.52
CA LEU B 47 33.56 1.46 2.14
C LEU B 47 34.60 2.03 1.20
N VAL B 48 34.56 1.56 -0.05
CA VAL B 48 35.41 2.09 -1.12
C VAL B 48 34.56 2.71 -2.23
N ALA B 49 33.75 1.91 -2.90
CA ALA B 49 33.02 2.37 -4.07
C ALA B 49 31.85 1.45 -4.38
N ASP B 50 30.65 2.00 -4.42
CA ASP B 50 29.44 1.24 -4.68
C ASP B 50 28.85 1.66 -6.02
N ILE B 51 28.31 0.68 -6.73
CA ILE B 51 27.58 0.90 -7.97
C ILE B 51 26.19 0.31 -7.80
N THR B 52 25.19 0.96 -8.37
CA THR B 52 23.80 0.63 -8.10
C THR B 52 23.04 0.20 -9.34
N SER B 53 23.62 -0.73 -10.10
CA SER B 53 23.03 -1.24 -11.34
C SER B 53 22.90 -0.12 -12.38
N GLY B 54 24.06 0.41 -12.74
CA GLY B 54 24.16 1.36 -13.83
C GLY B 54 24.15 2.81 -13.41
N GLY B 55 24.19 3.11 -12.12
CA GLY B 55 24.16 4.49 -11.69
C GLY B 55 24.52 4.65 -10.23
N LYS B 56 24.54 5.92 -9.81
CA LYS B 56 24.75 6.29 -8.41
C LYS B 56 26.08 5.77 -7.88
N ILE B 57 27.10 5.79 -8.72
CA ILE B 57 28.45 5.48 -8.26
C ILE B 57 28.80 6.38 -7.09
N ASN B 58 29.35 5.78 -6.03
CA ASN B 58 29.58 6.47 -4.77
C ASN B 58 30.93 6.05 -4.23
N TYR B 59 31.90 6.96 -4.26
CA TYR B 59 33.23 6.65 -3.77
C TYR B 59 33.39 7.04 -2.31
N ALA B 60 34.56 6.73 -1.76
CA ALA B 60 34.79 6.89 -0.33
C ALA B 60 35.03 8.34 0.04
N ASP B 61 34.45 8.76 1.16
CA ASP B 61 34.41 10.16 1.54
C ASP B 61 35.78 10.75 1.83
N SER B 62 36.81 9.92 1.99
CA SER B 62 38.18 10.39 2.06
C SER B 62 39.02 10.02 0.84
N VAL B 63 38.47 9.21 -0.08
CA VAL B 63 39.23 8.65 -1.19
C VAL B 63 38.62 9.01 -2.55
N LYS B 64 37.40 9.56 -2.57
CA LYS B 64 36.70 9.97 -3.79
C LYS B 64 37.60 10.78 -4.72
N GLY B 65 37.29 10.70 -6.02
CA GLY B 65 38.05 11.43 -7.02
C GLY B 65 39.40 10.84 -7.33
N ARG B 66 39.61 9.55 -6.97
CA ARG B 66 40.86 8.85 -7.25
C ARG B 66 40.69 7.54 -8.02
N PHE B 67 39.69 6.73 -7.65
CA PHE B 67 39.48 5.41 -8.24
C PHE B 67 38.50 5.47 -9.41
N THR B 68 38.14 4.28 -9.89
CA THR B 68 37.04 4.09 -10.83
C THR B 68 36.35 2.78 -10.50
N ILE B 69 35.07 2.70 -10.83
CA ILE B 69 34.31 1.47 -10.65
C ILE B 69 33.33 1.34 -11.82
N SER B 70 33.02 0.10 -12.18
CA SER B 70 32.10 -0.16 -13.28
C SER B 70 31.34 -1.44 -12.97
N ARG B 71 30.55 -1.89 -13.93
CA ARG B 71 29.82 -3.14 -13.79
C ARG B 71 29.40 -3.68 -15.14
N ASP B 72 29.45 -4.99 -15.29
CA ASP B 72 28.75 -5.67 -16.37
C ASP B 72 27.48 -6.31 -15.83
N ASN B 73 26.60 -6.70 -16.74
CA ASN B 73 25.25 -7.11 -16.38
C ASN B 73 24.88 -8.52 -16.82
N THR B 74 25.24 -8.93 -18.04
CA THR B 74 25.10 -10.33 -18.38
C THR B 74 26.03 -11.22 -17.57
N LYS B 75 27.18 -10.70 -17.16
CA LYS B 75 28.04 -11.32 -16.17
C LYS B 75 28.17 -10.34 -15.00
N ASP B 76 27.79 -10.79 -13.80
CA ASP B 76 27.66 -9.89 -12.65
C ASP B 76 29.03 -9.52 -12.08
N THR B 77 29.79 -8.76 -12.87
CA THR B 77 31.17 -8.43 -12.54
C THR B 77 31.30 -6.95 -12.23
N VAL B 78 31.76 -6.63 -11.02
CA VAL B 78 32.10 -5.26 -10.64
C VAL B 78 33.62 -5.13 -10.70
N TYR B 79 34.08 -4.00 -11.22
CA TYR B 79 35.49 -3.74 -11.41
C TYR B 79 35.91 -2.55 -10.57
N LEU B 80 37.19 -2.52 -10.20
CA LEU B 80 37.77 -1.38 -9.51
C LEU B 80 39.18 -1.18 -10.00
N GLN B 81 39.43 -0.03 -10.61
CA GLN B 81 40.76 0.33 -11.08
C GLN B 81 41.31 1.38 -10.13
N MET B 82 42.46 1.09 -9.54
CA MET B 82 43.07 1.96 -8.53
C MET B 82 44.26 2.67 -9.15
N ASN B 83 43.98 3.77 -9.83
CA ASN B 83 45.05 4.58 -10.41
C ASN B 83 45.52 5.59 -9.38
N SER B 84 46.77 6.03 -9.52
CA SER B 84 47.43 6.87 -8.53
C SER B 84 47.32 6.28 -7.13
N LEU B 85 47.99 5.14 -6.95
CA LEU B 85 47.90 4.39 -5.71
C LEU B 85 49.11 4.66 -4.83
N LYS B 86 48.84 4.98 -3.57
CA LYS B 86 49.87 5.20 -2.56
C LYS B 86 49.58 4.28 -1.39
N PRO B 87 50.61 3.94 -0.61
CA PRO B 87 50.50 2.82 0.33
C PRO B 87 49.23 2.71 1.17
N GLU B 88 48.63 3.81 1.62
CA GLU B 88 47.55 3.60 2.61
C GLU B 88 46.36 2.86 2.04
N ASP B 89 46.45 2.37 0.81
CA ASP B 89 45.47 1.45 0.27
C ASP B 89 45.73 0.01 0.67
N THR B 90 46.81 -0.25 1.41
CA THR B 90 47.06 -1.58 1.96
C THR B 90 45.85 -2.10 2.71
N ALA B 91 45.28 -3.19 2.21
CA ALA B 91 44.07 -3.74 2.81
C ALA B 91 43.77 -5.07 2.14
N VAL B 92 43.18 -5.97 2.91
CA VAL B 92 42.50 -7.11 2.33
C VAL B 92 41.10 -6.67 1.93
N TYR B 93 40.84 -6.70 0.62
CA TYR B 93 39.63 -6.14 0.06
C TYR B 93 38.54 -7.21 0.01
N TYR B 94 37.29 -6.78 0.07
CA TYR B 94 36.15 -7.67 0.00
C TYR B 94 35.14 -7.13 -0.98
N CYS B 95 34.83 -7.91 -2.01
CA CYS B 95 33.71 -7.61 -2.87
C CYS B 95 32.41 -7.84 -2.11
N ASN B 96 31.45 -6.98 -2.34
CA ASN B 96 30.19 -7.03 -1.62
C ASN B 96 29.04 -6.92 -2.61
N ALA B 97 27.92 -7.55 -2.27
CA ALA B 97 26.72 -7.50 -3.08
C ALA B 97 25.52 -7.48 -2.16
N GLU B 98 24.41 -6.94 -2.65
CA GLU B 98 23.22 -6.81 -1.83
C GLU B 98 21.97 -6.94 -2.68
N VAL B 99 20.94 -7.51 -2.07
CA VAL B 99 19.56 -7.39 -2.52
C VAL B 99 18.80 -6.64 -1.44
N GLU B 100 18.09 -5.59 -1.83
CA GLU B 100 17.61 -4.62 -0.85
C GLU B 100 16.37 -5.14 -0.12
N TRP B 101 15.29 -5.42 -0.86
CA TRP B 101 14.02 -5.68 -0.20
C TRP B 101 14.07 -6.92 0.68
N LEU B 102 14.87 -7.92 0.31
CA LEU B 102 15.04 -9.11 1.13
C LEU B 102 16.13 -8.93 2.19
N ASP B 103 17.02 -7.97 2.02
CA ASP B 103 18.12 -7.71 2.93
C ASP B 103 19.03 -8.92 3.07
N MET B 104 19.62 -9.32 1.96
CA MET B 104 20.66 -10.35 1.94
C MET B 104 21.94 -9.76 1.38
N ASP B 105 23.05 -9.96 2.09
CA ASP B 105 24.33 -9.38 1.76
C ASP B 105 25.33 -10.49 1.45
N TYR B 106 25.97 -10.39 0.30
CA TYR B 106 26.91 -11.40 -0.17
C TYR B 106 28.33 -10.84 -0.06
N TRP B 107 29.22 -11.62 0.53
CA TRP B 107 30.62 -11.24 0.67
C TRP B 107 31.52 -12.29 0.04
N GLY B 108 32.51 -11.83 -0.71
CA GLY B 108 33.55 -12.70 -1.21
C GLY B 108 34.75 -12.74 -0.29
N LYS B 109 35.74 -13.52 -0.68
CA LYS B 109 36.95 -13.61 0.12
C LYS B 109 38.17 -13.76 -0.78
N GLY B 110 39.33 -13.38 -0.24
CA GLY B 110 40.60 -13.65 -0.88
C GLY B 110 41.15 -12.62 -1.84
N THR B 111 41.35 -11.39 -1.39
CA THR B 111 42.16 -10.46 -2.16
C THR B 111 42.82 -9.45 -1.22
N GLN B 112 44.06 -9.11 -1.56
CA GLN B 112 44.95 -8.39 -0.66
C GLN B 112 45.83 -7.53 -1.56
N VAL B 113 46.04 -6.27 -1.18
CA VAL B 113 47.02 -5.40 -1.83
C VAL B 113 47.95 -4.87 -0.76
N THR B 114 49.22 -4.64 -1.10
CA THR B 114 50.18 -4.36 -0.05
C THR B 114 50.74 -2.95 -0.05
N VAL B 115 51.36 -2.47 -1.12
CA VAL B 115 51.92 -1.12 -1.03
C VAL B 115 51.12 -0.26 -1.99
#